data_4DM8
#
_entry.id   4DM8
#
_cell.length_a   58.482
_cell.length_b   83.622
_cell.length_c   108.779
_cell.angle_alpha   90.00
_cell.angle_beta   90.00
_cell.angle_gamma   90.00
#
_symmetry.space_group_name_H-M   'P 21 21 21'
#
loop_
_entity.id
_entity.type
_entity.pdbx_description
1 polymer 'Retinoic acid receptor beta'
2 polymer 'Nuclear receptor coactivator 1'
3 non-polymer 'RETINOIC ACID'
4 water water
#
loop_
_entity_poly.entity_id
_entity_poly.type
_entity_poly.pdbx_seq_one_letter_code
_entity_poly.pdbx_strand_id
1 'polypeptide(L)'
;MGSSHHHHHHSSGLVPRGSHMESYEMTAELDDLTEKIRKAHQETFPSLCQLGKYTTNSSADHRVRLDLGLWDKFSELATK
CIIKIVEFAKRLPGFTGLTIADQITLLKAACLDILILRICTRYTPEQDTMTFSDGLTLNRTQMHNAGFGPLTDLVFTFAN
QLLPLEMDDTETGLLSAICLICGDRQDLEEPTKVDKLQEPLLEALKIYIRKRRPSKPHMFPKILMKITDLRSISAKGAER
VITLKMEIPGSMPPLIQEMLENSEGHE
;
A,B
2 'polypeptide(L)' CPSSHSSLTERHKILHRLLQEGSPS C,D
#
# COMPACT_ATOMS: atom_id res chain seq x y z
N GLU A 22 18.82 22.88 -16.84
CA GLU A 22 18.23 24.13 -16.29
C GLU A 22 17.06 24.63 -17.15
N SER A 23 16.60 23.79 -18.06
CA SER A 23 15.49 24.15 -18.94
C SER A 23 14.30 23.20 -18.77
N TYR A 24 13.10 23.75 -18.91
CA TYR A 24 11.88 22.97 -18.78
C TYR A 24 10.88 23.43 -19.84
N GLU A 25 10.07 22.51 -20.35
CA GLU A 25 9.07 22.85 -21.35
C GLU A 25 8.02 23.79 -20.77
N MET A 26 7.03 24.15 -21.58
CA MET A 26 5.97 25.04 -21.14
C MET A 26 4.76 24.20 -20.75
N THR A 27 4.34 24.33 -19.49
CA THR A 27 3.19 23.57 -18.98
C THR A 27 2.28 24.48 -18.16
N ALA A 28 1.61 25.40 -18.84
CA ALA A 28 0.73 26.36 -18.19
C ALA A 28 -0.42 25.77 -17.37
N GLU A 29 -1.23 24.91 -18.00
CA GLU A 29 -2.38 24.31 -17.33
C GLU A 29 -2.03 23.48 -16.10
N LEU A 30 -0.98 22.67 -16.20
CA LEU A 30 -0.57 21.85 -15.07
C LEU A 30 -0.08 22.74 -13.93
N ASP A 31 0.52 23.87 -14.30
CA ASP A 31 1.03 24.81 -13.30
C ASP A 31 -0.09 25.50 -12.55
N ASP A 32 -1.25 25.60 -13.17
CA ASP A 32 -2.39 26.24 -12.53
C ASP A 32 -3.02 25.25 -11.54
N LEU A 33 -3.11 24.00 -11.96
CA LEU A 33 -3.68 22.94 -11.11
C LEU A 33 -2.81 22.78 -9.87
N THR A 34 -1.50 22.74 -10.08
CA THR A 34 -0.57 22.58 -8.99
C THR A 34 -0.76 23.71 -7.98
N GLU A 35 -0.92 24.93 -8.49
CA GLU A 35 -1.09 26.07 -7.60
C GLU A 35 -2.40 25.98 -6.82
N LYS A 36 -3.46 25.56 -7.48
CA LYS A 36 -4.76 25.42 -6.84
C LYS A 36 -4.73 24.38 -5.71
N ILE A 37 -4.05 23.27 -5.96
CA ILE A 37 -3.95 22.21 -4.98
C ILE A 37 -3.04 22.63 -3.83
N ARG A 38 -2.01 23.40 -4.17
CA ARG A 38 -1.08 23.89 -3.15
C ARG A 38 -1.85 24.75 -2.16
N LYS A 39 -2.61 25.71 -2.69
CA LYS A 39 -3.41 26.61 -1.88
C LYS A 39 -4.45 25.84 -1.07
N ALA A 40 -5.14 24.92 -1.73
CA ALA A 40 -6.17 24.11 -1.09
C ALA A 40 -5.60 23.37 0.12
N HIS A 41 -4.35 22.93 0.00
CA HIS A 41 -3.70 22.22 1.10
C HIS A 41 -3.34 23.14 2.27
N GLN A 42 -2.45 24.10 2.01
CA GLN A 42 -2.01 25.04 3.04
C GLN A 42 -3.18 25.66 3.79
N GLU A 43 -4.20 26.05 3.04
CA GLU A 43 -5.40 26.68 3.59
C GLU A 43 -6.29 25.75 4.41
N THR A 44 -6.11 24.44 4.26
CA THR A 44 -6.91 23.48 5.02
C THR A 44 -6.01 22.71 5.99
N PHE A 45 -4.74 23.09 6.04
CA PHE A 45 -3.81 22.42 6.93
C PHE A 45 -2.64 23.35 7.24
N PRO A 46 -2.66 23.97 8.43
CA PRO A 46 -1.61 24.90 8.91
C PRO A 46 -0.19 24.34 8.89
N SER A 47 0.76 25.20 8.56
CA SER A 47 2.17 24.80 8.54
C SER A 47 2.68 24.67 9.97
N LEU A 48 3.62 23.76 10.17
CA LEU A 48 4.18 23.55 11.49
C LEU A 48 4.86 24.81 12.05
N CYS A 49 5.58 25.53 11.20
CA CYS A 49 6.27 26.74 11.59
C CYS A 49 5.30 27.87 11.93
N GLN A 50 4.28 28.04 11.10
CA GLN A 50 3.28 29.09 11.32
C GLN A 50 2.29 28.64 12.38
N LEU A 51 2.74 27.76 13.27
CA LEU A 51 1.89 27.24 14.32
C LEU A 51 2.46 27.49 15.70
N GLY A 52 1.59 27.91 16.63
CA GLY A 52 2.01 28.17 17.99
C GLY A 52 1.95 26.91 18.82
N LYS A 53 3.01 26.11 18.76
CA LYS A 53 3.07 24.85 19.49
C LYS A 53 3.06 25.05 21.00
N TYR A 54 2.45 24.09 21.70
CA TYR A 54 2.38 24.12 23.15
C TYR A 54 2.41 22.68 23.61
N THR A 55 2.77 22.47 24.86
CA THR A 55 2.85 21.11 25.39
C THR A 55 1.82 20.81 26.47
N THR A 56 1.61 19.53 26.72
CA THR A 56 0.69 19.04 27.73
C THR A 56 1.58 18.17 28.60
N ASN A 57 1.00 17.14 29.23
CA ASN A 57 1.75 16.23 30.08
C ASN A 57 0.84 15.21 30.72
N SER A 58 -0.38 15.10 30.18
CA SER A 58 -1.38 14.16 30.68
C SER A 58 -0.80 12.82 31.13
N SER A 59 0.30 12.40 30.52
CA SER A 59 0.95 11.13 30.88
C SER A 59 2.12 10.88 29.93
N ALA A 60 2.99 11.87 29.81
CA ALA A 60 4.15 11.78 28.92
C ALA A 60 5.27 10.89 29.47
N ASP A 61 5.11 10.42 30.71
CA ASP A 61 6.12 9.58 31.34
C ASP A 61 6.13 8.14 30.85
N HIS A 62 5.01 7.43 31.03
CA HIS A 62 4.94 6.03 30.62
C HIS A 62 3.72 5.72 29.76
N ARG A 63 3.85 4.71 28.91
CA ARG A 63 2.76 4.30 28.03
C ARG A 63 1.67 3.58 28.81
N VAL A 64 0.42 3.94 28.55
CA VAL A 64 -0.71 3.32 29.22
C VAL A 64 -1.68 2.82 28.16
N ARG A 65 -2.73 2.13 28.58
CA ARG A 65 -3.72 1.60 27.66
C ARG A 65 -4.38 2.74 26.88
N LEU A 66 -4.78 3.79 27.59
CA LEU A 66 -5.41 4.93 26.95
C LEU A 66 -5.64 6.07 27.94
N ASP A 67 -5.01 7.21 27.66
CA ASP A 67 -5.18 8.39 28.50
C ASP A 67 -6.48 9.04 28.01
N LEU A 68 -7.55 8.89 28.79
CA LEU A 68 -8.85 9.45 28.43
C LEU A 68 -8.81 10.95 28.19
N GLY A 69 -8.00 11.66 28.96
CA GLY A 69 -7.91 13.10 28.79
C GLY A 69 -7.32 13.46 27.43
N LEU A 70 -6.36 12.66 26.98
CA LEU A 70 -5.73 12.89 25.68
C LEU A 70 -6.64 12.44 24.55
N TRP A 71 -7.36 11.33 24.78
CA TRP A 71 -8.28 10.83 23.77
C TRP A 71 -9.35 11.86 23.46
N ASP A 72 -9.86 12.50 24.50
CA ASP A 72 -10.89 13.52 24.35
C ASP A 72 -10.36 14.65 23.47
N LYS A 73 -9.15 15.11 23.76
CA LYS A 73 -8.51 16.18 22.98
C LYS A 73 -8.24 15.73 21.56
N PHE A 74 -7.57 14.59 21.43
CA PHE A 74 -7.21 14.00 20.15
C PHE A 74 -8.43 13.77 19.27
N SER A 75 -9.46 13.15 19.84
CA SER A 75 -10.67 12.87 19.09
C SER A 75 -11.33 14.15 18.60
N GLU A 76 -11.19 15.23 19.35
CA GLU A 76 -11.76 16.53 18.99
C GLU A 76 -10.97 17.09 17.79
N LEU A 77 -9.66 16.95 17.85
CA LEU A 77 -8.77 17.41 16.79
C LEU A 77 -8.94 16.56 15.53
N ALA A 78 -9.24 15.28 15.73
CA ALA A 78 -9.41 14.35 14.61
C ALA A 78 -10.66 14.70 13.83
N THR A 79 -11.72 15.01 14.57
CA THR A 79 -12.99 15.38 13.96
C THR A 79 -12.80 16.62 13.09
N LYS A 80 -12.13 17.62 13.64
CA LYS A 80 -11.90 18.85 12.90
C LYS A 80 -11.02 18.66 11.66
N CYS A 81 -9.99 17.82 11.75
CA CYS A 81 -9.11 17.61 10.61
C CYS A 81 -9.81 16.84 9.49
N ILE A 82 -10.71 15.94 9.85
CA ILE A 82 -11.46 15.21 8.84
C ILE A 82 -12.33 16.23 8.11
N ILE A 83 -12.90 17.18 8.87
CA ILE A 83 -13.74 18.21 8.29
C ILE A 83 -12.92 19.01 7.25
N LYS A 84 -11.70 19.35 7.62
CA LYS A 84 -10.83 20.10 6.73
C LYS A 84 -10.44 19.31 5.48
N ILE A 85 -10.33 17.99 5.63
CA ILE A 85 -9.97 17.13 4.51
C ILE A 85 -11.11 17.17 3.48
N VAL A 86 -12.35 17.17 3.95
CA VAL A 86 -13.51 17.24 3.08
C VAL A 86 -13.49 18.59 2.38
N GLU A 87 -13.07 19.61 3.14
CA GLU A 87 -12.97 20.97 2.63
C GLU A 87 -11.91 20.94 1.52
N PHE A 88 -10.85 20.18 1.76
CA PHE A 88 -9.75 20.06 0.79
C PHE A 88 -10.22 19.31 -0.46
N ALA A 89 -11.02 18.27 -0.26
CA ALA A 89 -11.54 17.47 -1.36
C ALA A 89 -12.39 18.30 -2.32
N LYS A 90 -13.29 19.11 -1.77
CA LYS A 90 -14.18 19.95 -2.59
C LYS A 90 -13.43 21.06 -3.33
N ARG A 91 -12.20 21.34 -2.89
CA ARG A 91 -11.39 22.37 -3.53
C ARG A 91 -10.60 21.78 -4.71
N LEU A 92 -10.59 20.46 -4.82
CA LEU A 92 -9.86 19.81 -5.90
C LEU A 92 -10.66 19.89 -7.18
N PRO A 93 -10.08 20.44 -8.25
CA PRO A 93 -10.74 20.59 -9.54
C PRO A 93 -11.42 19.31 -10.02
N GLY A 94 -12.73 19.39 -10.19
CA GLY A 94 -13.47 18.24 -10.67
C GLY A 94 -14.06 17.30 -9.64
N PHE A 95 -13.58 17.38 -8.39
CA PHE A 95 -14.07 16.50 -7.33
C PHE A 95 -15.59 16.57 -7.16
N THR A 96 -16.12 17.78 -7.05
CA THR A 96 -17.56 17.97 -6.88
C THR A 96 -18.34 17.57 -8.14
N GLY A 97 -17.63 17.42 -9.25
CA GLY A 97 -18.26 17.03 -10.49
C GLY A 97 -18.64 15.56 -10.49
N LEU A 98 -17.97 14.78 -9.66
CA LEU A 98 -18.25 13.37 -9.53
C LEU A 98 -19.60 13.22 -8.85
N THR A 99 -20.13 12.00 -8.83
CA THR A 99 -21.42 11.78 -8.20
C THR A 99 -21.21 11.85 -6.68
N ILE A 100 -22.28 12.09 -5.94
CA ILE A 100 -22.18 12.19 -4.49
C ILE A 100 -21.70 10.89 -3.88
N ALA A 101 -22.24 9.79 -4.37
CA ALA A 101 -21.86 8.47 -3.88
C ALA A 101 -20.36 8.25 -4.02
N ASP A 102 -19.81 8.69 -5.14
CA ASP A 102 -18.39 8.51 -5.40
C ASP A 102 -17.56 9.37 -4.46
N GLN A 103 -17.91 10.64 -4.33
CA GLN A 103 -17.21 11.56 -3.44
C GLN A 103 -17.09 10.95 -2.04
N ILE A 104 -18.20 10.41 -1.56
CA ILE A 104 -18.24 9.79 -0.25
C ILE A 104 -17.34 8.56 -0.24
N THR A 105 -17.46 7.77 -1.30
CA THR A 105 -16.66 6.55 -1.46
C THR A 105 -15.17 6.88 -1.42
N LEU A 106 -14.77 7.89 -2.20
CA LEU A 106 -13.38 8.30 -2.24
C LEU A 106 -12.92 8.78 -0.87
N LEU A 107 -13.72 9.64 -0.24
CA LEU A 107 -13.35 10.15 1.06
C LEU A 107 -13.14 9.03 2.09
N LYS A 108 -14.10 8.13 2.20
CA LYS A 108 -14.01 7.04 3.17
C LYS A 108 -12.78 6.16 2.96
N ALA A 109 -12.38 5.98 1.71
CA ALA A 109 -11.23 5.13 1.40
C ALA A 109 -9.88 5.81 1.60
N ALA A 110 -9.85 7.12 1.44
CA ALA A 110 -8.61 7.89 1.56
C ALA A 110 -8.43 8.69 2.85
N CYS A 111 -9.51 8.90 3.60
CA CYS A 111 -9.43 9.70 4.80
C CYS A 111 -8.24 9.40 5.72
N LEU A 112 -8.17 8.17 6.22
CA LEU A 112 -7.08 7.78 7.10
C LEU A 112 -5.70 7.99 6.47
N ASP A 113 -5.54 7.62 5.20
CA ASP A 113 -4.26 7.81 4.52
C ASP A 113 -3.81 9.27 4.60
N ILE A 114 -4.72 10.19 4.30
CA ILE A 114 -4.42 11.61 4.32
C ILE A 114 -4.15 12.08 5.73
N LEU A 115 -4.86 11.50 6.70
CA LEU A 115 -4.66 11.87 8.09
C LEU A 115 -3.27 11.49 8.54
N ILE A 116 -2.82 10.32 8.13
CA ILE A 116 -1.49 9.87 8.51
C ILE A 116 -0.45 10.78 7.86
N LEU A 117 -0.62 11.03 6.57
CA LEU A 117 0.29 11.88 5.82
C LEU A 117 0.38 13.26 6.45
N ARG A 118 -0.77 13.82 6.84
CA ARG A 118 -0.76 15.14 7.45
C ARG A 118 -0.04 15.19 8.79
N ILE A 119 -0.39 14.28 9.71
CA ILE A 119 0.25 14.28 11.01
C ILE A 119 1.77 14.06 10.92
N CYS A 120 2.19 13.18 10.02
CA CYS A 120 3.61 12.88 9.86
C CYS A 120 4.38 14.03 9.26
N THR A 121 3.65 14.99 8.69
CA THR A 121 4.24 16.18 8.09
C THR A 121 4.47 17.19 9.22
N ARG A 122 3.94 16.90 10.40
CA ARG A 122 4.06 17.77 11.56
C ARG A 122 5.06 17.18 12.53
N TYR A 123 5.92 16.30 12.04
CA TYR A 123 6.92 15.64 12.87
C TYR A 123 8.19 16.47 13.09
N THR A 124 8.59 16.62 14.35
CA THR A 124 9.81 17.35 14.69
C THR A 124 10.74 16.25 15.19
N PRO A 125 11.59 15.72 14.29
CA PRO A 125 12.55 14.65 14.58
C PRO A 125 13.45 14.80 15.80
N GLU A 126 14.05 15.97 16.00
CA GLU A 126 14.95 16.16 17.13
C GLU A 126 14.26 16.12 18.51
N GLN A 127 12.95 16.37 18.52
CA GLN A 127 12.20 16.33 19.78
C GLN A 127 11.29 15.10 19.75
N ASP A 128 11.28 14.43 18.60
CA ASP A 128 10.46 13.25 18.36
C ASP A 128 9.00 13.45 18.74
N THR A 129 8.44 14.58 18.31
CA THR A 129 7.05 14.89 18.58
C THR A 129 6.30 15.12 17.26
N MET A 130 4.99 15.28 17.38
CA MET A 130 4.13 15.55 16.24
C MET A 130 3.17 16.64 16.72
N THR A 131 2.92 17.62 15.87
CA THR A 131 2.06 18.73 16.23
C THR A 131 0.72 18.74 15.51
N PHE A 132 -0.35 18.92 16.29
CA PHE A 132 -1.70 18.97 15.77
C PHE A 132 -2.05 20.40 15.36
N SER A 133 -3.09 20.53 14.53
CA SER A 133 -3.51 21.83 14.00
C SER A 133 -3.78 22.98 14.96
N ASP A 134 -3.91 22.69 16.25
CA ASP A 134 -4.15 23.76 17.22
C ASP A 134 -2.82 24.15 17.87
N GLY A 135 -1.81 23.31 17.68
CA GLY A 135 -0.50 23.55 18.26
C GLY A 135 -0.08 22.46 19.21
N LEU A 136 -1.05 21.72 19.74
CA LEU A 136 -0.76 20.64 20.67
C LEU A 136 0.34 19.74 20.12
N THR A 137 1.44 19.66 20.86
CA THR A 137 2.60 18.87 20.47
C THR A 137 2.81 17.72 21.44
N LEU A 138 2.63 16.50 20.95
CA LEU A 138 2.78 15.31 21.78
C LEU A 138 4.01 14.51 21.38
N ASN A 139 4.60 13.83 22.35
CA ASN A 139 5.75 13.00 22.08
C ASN A 139 5.23 11.60 21.78
N ARG A 140 6.16 10.69 21.52
CA ARG A 140 5.81 9.32 21.17
C ARG A 140 4.91 8.62 22.19
N THR A 141 5.19 8.78 23.47
CA THR A 141 4.40 8.12 24.50
C THR A 141 2.99 8.71 24.64
N GLN A 142 2.89 10.02 24.46
CA GLN A 142 1.61 10.69 24.55
C GLN A 142 0.76 10.32 23.33
N MET A 143 1.41 10.20 22.18
CA MET A 143 0.72 9.83 20.94
C MET A 143 0.12 8.46 21.17
N HIS A 144 0.89 7.59 21.81
CA HIS A 144 0.43 6.24 22.10
C HIS A 144 -0.76 6.31 23.07
N ASN A 145 -0.61 7.08 24.14
CA ASN A 145 -1.65 7.21 25.15
C ASN A 145 -2.90 7.96 24.68
N ALA A 146 -2.77 8.70 23.58
CA ALA A 146 -3.90 9.46 23.04
C ALA A 146 -4.84 8.56 22.24
N GLY A 147 -4.31 7.45 21.72
CA GLY A 147 -5.15 6.54 20.95
C GLY A 147 -4.51 5.74 19.83
N PHE A 148 -3.25 6.03 19.50
CA PHE A 148 -2.56 5.30 18.43
C PHE A 148 -2.17 3.89 18.86
N GLY A 149 -1.93 3.72 20.15
CA GLY A 149 -1.55 2.42 20.68
C GLY A 149 -0.49 1.72 19.86
N PRO A 150 -0.79 0.53 19.33
CA PRO A 150 0.12 -0.29 18.51
C PRO A 150 0.46 0.30 17.14
N LEU A 151 0.03 1.52 16.89
CA LEU A 151 0.31 2.18 15.61
C LEU A 151 1.38 3.23 15.77
N THR A 152 1.59 3.67 17.00
CA THR A 152 2.57 4.72 17.27
C THR A 152 3.86 4.54 16.50
N ASP A 153 4.52 3.40 16.70
CA ASP A 153 5.78 3.12 16.03
C ASP A 153 5.69 3.12 14.51
N LEU A 154 4.65 2.51 13.97
CA LEU A 154 4.46 2.44 12.52
C LEU A 154 4.37 3.84 11.90
N VAL A 155 3.65 4.73 12.57
CA VAL A 155 3.44 6.10 12.11
C VAL A 155 4.71 6.95 12.25
N PHE A 156 5.46 6.75 13.34
CA PHE A 156 6.69 7.50 13.55
C PHE A 156 7.75 7.09 12.55
N THR A 157 7.80 5.79 12.25
CA THR A 157 8.75 5.27 11.28
C THR A 157 8.46 5.92 9.93
N PHE A 158 7.18 6.00 9.58
CA PHE A 158 6.79 6.63 8.33
C PHE A 158 7.21 8.09 8.32
N ALA A 159 6.96 8.77 9.43
CA ALA A 159 7.33 10.17 9.55
C ALA A 159 8.83 10.33 9.31
N ASN A 160 9.62 9.41 9.86
CA ASN A 160 11.07 9.48 9.65
C ASN A 160 11.49 9.17 8.22
N GLN A 161 10.83 8.18 7.60
CA GLN A 161 11.16 7.81 6.23
C GLN A 161 10.75 8.90 5.23
N LEU A 162 9.99 9.87 5.71
CA LEU A 162 9.54 10.97 4.85
C LEU A 162 10.56 12.12 4.79
N LEU A 163 11.23 12.40 5.92
CA LEU A 163 12.21 13.49 6.01
C LEU A 163 13.17 13.65 4.83
N PRO A 164 13.78 12.56 4.36
CA PRO A 164 14.73 12.61 3.23
C PRO A 164 14.13 13.16 1.94
N LEU A 165 12.82 12.96 1.77
CA LEU A 165 12.13 13.40 0.56
C LEU A 165 11.98 14.93 0.49
N GLU A 166 12.03 15.58 1.65
CA GLU A 166 11.90 17.03 1.74
C GLU A 166 10.71 17.55 0.94
N MET A 167 9.52 17.06 1.26
CA MET A 167 8.31 17.48 0.57
C MET A 167 7.73 18.77 1.13
N ASP A 168 7.19 19.61 0.25
CA ASP A 168 6.56 20.86 0.68
C ASP A 168 5.05 20.71 0.58
N ASP A 169 4.33 21.74 1.01
CA ASP A 169 2.88 21.70 0.97
C ASP A 169 2.38 21.33 -0.42
N THR A 170 3.07 21.81 -1.45
CA THR A 170 2.68 21.55 -2.83
C THR A 170 2.65 20.03 -3.09
N GLU A 171 3.76 19.38 -2.77
CA GLU A 171 3.87 17.96 -2.96
C GLU A 171 2.93 17.19 -2.03
N THR A 172 2.76 17.67 -0.81
CA THR A 172 1.87 17.01 0.14
C THR A 172 0.41 17.08 -0.33
N GLY A 173 0.03 18.23 -0.86
CA GLY A 173 -1.31 18.40 -1.35
C GLY A 173 -1.56 17.50 -2.55
N LEU A 174 -0.63 17.50 -3.50
CA LEU A 174 -0.74 16.65 -4.69
C LEU A 174 -0.79 15.18 -4.32
N LEU A 175 0.07 14.79 -3.38
CA LEU A 175 0.13 13.41 -2.94
C LEU A 175 -1.19 13.02 -2.26
N SER A 176 -1.75 13.95 -1.50
CA SER A 176 -3.01 13.69 -0.82
C SER A 176 -4.13 13.64 -1.85
N ALA A 177 -4.06 14.53 -2.84
CA ALA A 177 -5.08 14.58 -3.88
C ALA A 177 -5.04 13.28 -4.69
N ILE A 178 -3.83 12.82 -4.99
CA ILE A 178 -3.64 11.59 -5.75
C ILE A 178 -4.16 10.37 -4.98
N CYS A 179 -3.96 10.39 -3.67
CA CYS A 179 -4.42 9.31 -2.81
C CYS A 179 -5.94 9.26 -2.73
N LEU A 180 -6.56 10.44 -2.74
CA LEU A 180 -8.00 10.56 -2.67
C LEU A 180 -8.68 10.15 -3.97
N ILE A 181 -8.35 10.85 -5.05
CA ILE A 181 -8.92 10.57 -6.36
C ILE A 181 -8.32 9.27 -6.89
N CYS A 182 -8.88 8.14 -6.47
CA CYS A 182 -8.37 6.85 -6.91
C CYS A 182 -9.45 5.98 -7.56
N GLY A 183 -9.26 5.66 -8.83
CA GLY A 183 -10.22 4.86 -9.56
C GLY A 183 -10.37 3.41 -9.11
N ASP A 184 -9.34 2.86 -8.47
CA ASP A 184 -9.37 1.48 -8.01
C ASP A 184 -10.10 1.29 -6.68
N ARG A 185 -11.03 2.19 -6.37
CA ARG A 185 -11.77 2.07 -5.13
C ARG A 185 -13.03 1.26 -5.40
N GLN A 186 -13.31 0.29 -4.55
CA GLN A 186 -14.50 -0.53 -4.71
C GLN A 186 -15.76 0.31 -4.56
N ASP A 187 -16.75 0.00 -5.36
CA ASP A 187 -18.05 0.68 -5.33
C ASP A 187 -18.20 1.97 -6.13
N LEU A 188 -17.14 2.44 -6.79
CA LEU A 188 -17.27 3.66 -7.56
C LEU A 188 -18.19 3.38 -8.74
N GLU A 189 -19.10 4.29 -9.01
CA GLU A 189 -20.03 4.12 -10.12
C GLU A 189 -19.40 4.62 -11.42
N GLU A 190 -18.42 5.50 -11.30
CA GLU A 190 -17.75 6.06 -12.49
C GLU A 190 -16.24 6.12 -12.33
N PRO A 191 -15.59 4.95 -12.16
CA PRO A 191 -14.14 4.81 -12.00
C PRO A 191 -13.31 5.51 -13.06
N THR A 192 -13.68 5.34 -14.32
CA THR A 192 -12.95 5.95 -15.41
C THR A 192 -12.99 7.47 -15.31
N LYS A 193 -14.07 8.00 -14.75
CA LYS A 193 -14.21 9.43 -14.58
C LYS A 193 -13.22 9.87 -13.50
N VAL A 194 -13.05 9.03 -12.48
CA VAL A 194 -12.13 9.31 -11.38
C VAL A 194 -10.70 9.19 -11.91
N ASP A 195 -10.45 8.15 -12.71
CA ASP A 195 -9.12 7.95 -13.29
C ASP A 195 -8.71 9.17 -14.10
N LYS A 196 -9.66 9.76 -14.84
CA LYS A 196 -9.37 10.95 -15.64
C LYS A 196 -8.93 12.14 -14.80
N LEU A 197 -9.47 12.24 -13.59
CA LEU A 197 -9.11 13.34 -12.70
C LEU A 197 -7.73 13.15 -12.09
N GLN A 198 -7.36 11.89 -11.84
CA GLN A 198 -6.06 11.60 -11.25
C GLN A 198 -4.87 11.76 -12.19
N GLU A 199 -5.07 11.58 -13.49
CA GLU A 199 -3.97 11.70 -14.44
C GLU A 199 -3.21 13.01 -14.36
N PRO A 200 -3.92 14.15 -14.45
CA PRO A 200 -3.26 15.45 -14.37
C PRO A 200 -2.47 15.60 -13.07
N LEU A 201 -3.04 15.08 -11.99
CA LEU A 201 -2.42 15.15 -10.67
C LEU A 201 -1.06 14.46 -10.63
N LEU A 202 -1.00 13.25 -11.20
CA LEU A 202 0.23 12.49 -11.24
C LEU A 202 1.26 13.23 -12.06
N GLU A 203 0.82 13.70 -13.24
CA GLU A 203 1.71 14.44 -14.14
C GLU A 203 2.16 15.76 -13.52
N ALA A 204 1.26 16.42 -12.79
CA ALA A 204 1.62 17.67 -12.15
C ALA A 204 2.65 17.41 -11.07
N LEU A 205 2.48 16.30 -10.34
CA LEU A 205 3.43 15.95 -9.29
C LEU A 205 4.79 15.72 -9.92
N LYS A 206 4.78 14.97 -11.02
CA LYS A 206 6.00 14.64 -11.76
C LYS A 206 6.66 15.93 -12.26
N ILE A 207 5.93 16.70 -13.06
CA ILE A 207 6.44 17.95 -13.60
C ILE A 207 7.02 18.78 -12.48
N TYR A 208 6.25 18.93 -11.40
CA TYR A 208 6.69 19.74 -10.27
C TYR A 208 7.99 19.21 -9.65
N ILE A 209 8.06 17.91 -9.37
CA ILE A 209 9.26 17.32 -8.78
C ILE A 209 10.50 17.69 -9.60
N ARG A 210 10.32 17.73 -10.92
CA ARG A 210 11.39 18.05 -11.86
C ARG A 210 12.03 19.42 -11.69
N LYS A 211 11.21 20.48 -11.70
CA LYS A 211 11.73 21.83 -11.55
C LYS A 211 12.34 22.01 -10.17
N ARG A 212 11.71 21.42 -9.16
CA ARG A 212 12.19 21.53 -7.80
C ARG A 212 13.44 20.68 -7.62
N ARG A 213 13.23 19.39 -7.42
CA ARG A 213 14.34 18.45 -7.24
C ARG A 213 15.03 18.14 -8.56
N PRO A 214 16.27 18.65 -8.73
CA PRO A 214 17.04 18.42 -9.96
C PRO A 214 17.50 16.97 -10.11
N PRO A 217 16.76 13.61 -8.94
CA PRO A 217 16.04 13.59 -10.20
C PRO A 217 15.46 12.21 -10.47
N HIS A 218 14.96 11.57 -9.41
CA HIS A 218 14.37 10.24 -9.48
C HIS A 218 13.37 10.13 -8.34
N MET A 219 12.90 11.28 -7.87
CA MET A 219 11.96 11.33 -6.77
C MET A 219 10.52 10.99 -7.09
N PHE A 220 10.12 11.08 -8.35
CA PHE A 220 8.74 10.79 -8.71
C PHE A 220 8.29 9.41 -8.23
N PRO A 221 8.92 8.33 -8.74
CA PRO A 221 8.53 6.98 -8.29
C PRO A 221 8.71 6.80 -6.78
N LYS A 222 9.77 7.39 -6.25
CA LYS A 222 10.08 7.31 -4.82
C LYS A 222 8.93 7.85 -3.98
N ILE A 223 8.42 9.02 -4.34
CA ILE A 223 7.31 9.65 -3.61
C ILE A 223 6.00 8.85 -3.78
N LEU A 224 5.71 8.38 -5.00
CA LEU A 224 4.50 7.59 -5.23
C LEU A 224 4.53 6.35 -4.36
N MET A 225 5.69 5.70 -4.31
CA MET A 225 5.90 4.49 -3.52
C MET A 225 5.46 4.70 -2.06
N LYS A 226 5.47 5.95 -1.60
CA LYS A 226 5.08 6.28 -0.23
C LYS A 226 3.57 6.08 -0.03
N ILE A 227 2.83 6.12 -1.13
CA ILE A 227 1.39 5.89 -1.05
C ILE A 227 1.17 4.45 -0.61
N THR A 228 2.01 3.54 -1.12
CA THR A 228 1.89 2.13 -0.78
C THR A 228 2.24 1.89 0.68
N ASP A 229 3.15 2.70 1.24
CA ASP A 229 3.51 2.61 2.65
C ASP A 229 2.30 3.03 3.48
N LEU A 230 1.61 4.07 3.01
CA LEU A 230 0.44 4.58 3.71
C LEU A 230 -0.68 3.57 3.82
N ARG A 231 -0.86 2.77 2.78
CA ARG A 231 -1.91 1.74 2.76
C ARG A 231 -1.73 0.69 3.86
N SER A 232 -0.50 0.25 4.07
CA SER A 232 -0.25 -0.77 5.10
C SER A 232 -0.54 -0.21 6.49
N ILE A 233 -0.34 1.10 6.67
CA ILE A 233 -0.61 1.71 7.96
C ILE A 233 -2.12 1.97 8.11
N SER A 234 -2.74 2.50 7.06
CA SER A 234 -4.18 2.74 7.15
C SER A 234 -4.93 1.42 7.29
N ALA A 235 -4.36 0.34 6.73
CA ALA A 235 -5.00 -0.98 6.83
C ALA A 235 -5.19 -1.33 8.31
N LYS A 236 -4.17 -1.06 9.12
CA LYS A 236 -4.23 -1.35 10.55
C LYS A 236 -5.08 -0.36 11.34
N GLY A 237 -5.14 0.87 10.85
CA GLY A 237 -5.92 1.90 11.52
C GLY A 237 -7.38 1.53 11.60
N ALA A 238 -7.87 0.80 10.61
CA ALA A 238 -9.26 0.40 10.58
C ALA A 238 -9.57 -0.53 11.76
N GLU A 239 -8.59 -1.34 12.15
CA GLU A 239 -8.75 -2.28 13.26
C GLU A 239 -8.51 -1.61 14.60
N ARG A 240 -7.85 -0.46 14.57
CA ARG A 240 -7.57 0.29 15.79
C ARG A 240 -8.85 0.97 16.24
N VAL A 241 -9.74 1.23 15.29
CA VAL A 241 -11.02 1.87 15.58
C VAL A 241 -11.90 0.90 16.36
N ILE A 242 -11.90 -0.36 15.95
CA ILE A 242 -12.68 -1.39 16.62
C ILE A 242 -12.21 -1.50 18.06
N THR A 243 -10.90 -1.59 18.24
CA THR A 243 -10.28 -1.69 19.54
C THR A 243 -10.64 -0.50 20.44
N LEU A 244 -10.50 0.71 19.91
CA LEU A 244 -10.81 1.93 20.68
C LEU A 244 -12.28 2.02 21.07
N LYS A 245 -13.16 1.37 20.30
CA LYS A 245 -14.59 1.39 20.60
C LYS A 245 -14.87 0.70 21.94
N MET A 246 -14.12 -0.37 22.21
CA MET A 246 -14.27 -1.12 23.45
C MET A 246 -13.60 -0.49 24.66
N GLU A 247 -12.74 0.50 24.43
CA GLU A 247 -12.03 1.14 25.54
C GLU A 247 -12.43 2.58 25.83
N ILE A 248 -13.13 3.23 24.90
CA ILE A 248 -13.53 4.63 25.15
C ILE A 248 -14.85 4.71 25.89
N PRO A 249 -15.03 5.77 26.71
CA PRO A 249 -16.26 5.93 27.47
C PRO A 249 -17.53 5.85 26.63
N GLY A 250 -17.91 6.94 25.98
CA GLY A 250 -19.11 6.94 25.17
C GLY A 250 -18.92 6.23 23.85
N SER A 251 -19.40 6.86 22.78
CA SER A 251 -19.27 6.30 21.44
C SER A 251 -18.24 7.08 20.63
N MET A 252 -17.76 6.46 19.56
CA MET A 252 -16.77 7.07 18.67
C MET A 252 -17.40 8.30 18.02
N PRO A 253 -16.69 9.44 18.03
CA PRO A 253 -17.27 10.63 17.40
C PRO A 253 -17.84 10.20 16.05
N PRO A 254 -19.08 10.61 15.75
CA PRO A 254 -19.80 10.28 14.51
C PRO A 254 -19.07 10.45 13.18
N LEU A 255 -18.38 11.57 12.98
CA LEU A 255 -17.68 11.78 11.73
C LEU A 255 -16.57 10.74 11.55
N ILE A 256 -15.90 10.40 12.65
CA ILE A 256 -14.84 9.39 12.61
C ILE A 256 -15.43 8.04 12.24
N GLN A 257 -16.66 7.80 12.71
CA GLN A 257 -17.36 6.54 12.45
C GLN A 257 -17.72 6.42 10.97
N GLU A 258 -18.18 7.51 10.36
CA GLU A 258 -18.56 7.47 8.95
C GLU A 258 -17.34 7.22 8.05
N MET A 259 -16.19 7.77 8.43
CA MET A 259 -14.97 7.63 7.64
C MET A 259 -14.16 6.36 7.86
N LEU A 260 -14.38 5.66 8.97
CA LEU A 260 -13.64 4.42 9.24
C LEU A 260 -14.54 3.28 9.70
N GLU A 261 -15.67 3.11 9.02
CA GLU A 261 -16.62 2.05 9.38
C GLU A 261 -16.75 1.03 8.26
N TYR B 24 23.44 6.17 -22.09
CA TYR B 24 23.83 5.00 -22.89
C TYR B 24 24.32 3.86 -22.00
N GLU B 25 25.23 4.17 -21.08
CA GLU B 25 25.75 3.18 -20.16
C GLU B 25 24.62 2.70 -19.24
N MET B 26 23.80 3.63 -18.79
CA MET B 26 22.68 3.29 -17.92
C MET B 26 21.70 2.42 -18.68
N THR B 27 21.50 2.73 -19.96
CA THR B 27 20.60 1.94 -20.77
C THR B 27 21.08 0.49 -20.72
N ALA B 28 22.36 0.31 -21.01
CA ALA B 28 22.97 -1.02 -21.01
C ALA B 28 22.76 -1.72 -19.68
N GLU B 29 23.14 -1.06 -18.60
CA GLU B 29 22.99 -1.63 -17.26
C GLU B 29 21.54 -1.98 -16.93
N LEU B 30 20.62 -1.09 -17.28
CA LEU B 30 19.21 -1.32 -17.01
C LEU B 30 18.64 -2.48 -17.83
N ASP B 31 18.99 -2.54 -19.10
CA ASP B 31 18.51 -3.63 -19.97
C ASP B 31 19.04 -4.94 -19.40
N ASP B 32 20.29 -4.92 -18.96
CA ASP B 32 20.93 -6.09 -18.38
C ASP B 32 20.14 -6.52 -17.13
N LEU B 33 19.77 -5.55 -16.31
CA LEU B 33 19.00 -5.84 -15.10
C LEU B 33 17.61 -6.39 -15.46
N THR B 34 16.95 -5.73 -16.40
CA THR B 34 15.63 -6.16 -16.83
C THR B 34 15.64 -7.62 -17.27
N GLU B 35 16.65 -7.99 -18.03
CA GLU B 35 16.76 -9.37 -18.53
C GLU B 35 16.94 -10.37 -17.40
N LYS B 36 17.75 -10.01 -16.40
CA LYS B 36 17.97 -10.89 -15.25
C LYS B 36 16.64 -11.14 -14.52
N ILE B 37 15.92 -10.06 -14.20
CA ILE B 37 14.66 -10.18 -13.50
C ILE B 37 13.66 -11.01 -14.31
N ARG B 38 13.58 -10.72 -15.62
CA ARG B 38 12.65 -11.45 -16.48
C ARG B 38 13.00 -12.93 -16.39
N LYS B 39 14.28 -13.23 -16.56
CA LYS B 39 14.77 -14.60 -16.52
C LYS B 39 14.43 -15.21 -15.16
N ALA B 40 14.84 -14.55 -14.09
CA ALA B 40 14.58 -15.05 -12.74
C ALA B 40 13.12 -15.37 -12.56
N HIS B 41 12.23 -14.48 -13.02
CA HIS B 41 10.81 -14.73 -12.87
C HIS B 41 10.34 -15.95 -13.65
N GLN B 42 10.69 -16.00 -14.93
CA GLN B 42 10.29 -17.11 -15.79
C GLN B 42 10.79 -18.47 -15.33
N GLU B 43 12.02 -18.52 -14.85
CA GLU B 43 12.56 -19.79 -14.40
C GLU B 43 12.07 -20.24 -13.03
N THR B 44 11.32 -19.38 -12.33
CA THR B 44 10.82 -19.74 -11.00
C THR B 44 9.30 -19.74 -10.93
N PHE B 45 8.65 -19.44 -12.05
CA PHE B 45 7.20 -19.40 -12.09
C PHE B 45 6.68 -19.66 -13.51
N PRO B 46 6.28 -20.90 -13.80
CA PRO B 46 5.76 -21.26 -15.12
C PRO B 46 4.56 -20.44 -15.61
N SER B 47 4.51 -20.22 -16.92
CA SER B 47 3.44 -19.45 -17.56
C SER B 47 2.15 -20.27 -17.65
N LEU B 48 1.03 -19.58 -17.57
CA LEU B 48 -0.28 -20.22 -17.63
C LEU B 48 -0.39 -21.14 -18.87
N CYS B 49 0.00 -20.62 -20.02
CA CYS B 49 -0.06 -21.39 -21.26
C CYS B 49 0.84 -22.62 -21.16
N GLN B 50 1.93 -22.48 -20.41
CA GLN B 50 2.90 -23.55 -20.23
C GLN B 50 2.41 -24.65 -19.29
N LEU B 51 1.23 -24.47 -18.71
CA LEU B 51 0.73 -25.47 -17.77
C LEU B 51 -0.46 -26.25 -18.33
N GLY B 52 -0.49 -27.53 -18.02
CA GLY B 52 -1.58 -28.38 -18.45
C GLY B 52 -2.59 -28.41 -17.32
N LYS B 53 -3.58 -27.53 -17.41
CA LYS B 53 -4.62 -27.42 -16.40
C LYS B 53 -5.35 -28.72 -16.10
N TYR B 54 -5.74 -28.90 -14.85
CA TYR B 54 -6.49 -30.06 -14.44
C TYR B 54 -7.34 -29.60 -13.25
N THR B 55 -8.48 -30.24 -13.04
CA THR B 55 -9.35 -29.81 -11.95
C THR B 55 -9.56 -30.86 -10.87
N THR B 56 -10.46 -30.55 -9.95
CA THR B 56 -10.80 -31.43 -8.84
C THR B 56 -12.25 -31.15 -8.48
N ASN B 57 -12.96 -32.16 -8.02
CA ASN B 57 -14.37 -32.00 -7.67
C ASN B 57 -14.58 -31.52 -6.23
N SER B 58 -13.56 -31.69 -5.38
CA SER B 58 -13.63 -31.30 -3.98
C SER B 58 -14.38 -29.98 -3.75
N SER B 59 -15.43 -30.04 -2.93
CA SER B 59 -16.28 -28.89 -2.62
C SER B 59 -16.16 -27.76 -3.65
N ALA B 60 -16.75 -27.98 -4.82
CA ALA B 60 -16.68 -27.00 -5.90
C ALA B 60 -17.97 -26.25 -6.22
N ASP B 61 -19.09 -26.69 -5.67
CA ASP B 61 -20.36 -26.05 -5.97
C ASP B 61 -20.94 -25.15 -4.89
N HIS B 62 -20.40 -25.21 -3.68
CA HIS B 62 -20.88 -24.35 -2.61
C HIS B 62 -19.73 -23.99 -1.68
N ARG B 63 -19.90 -22.91 -0.93
CA ARG B 63 -18.87 -22.44 -0.02
C ARG B 63 -18.98 -22.96 1.41
N VAL B 64 -17.86 -23.48 1.91
CA VAL B 64 -17.79 -24.02 3.26
C VAL B 64 -16.70 -23.24 4.01
N ARG B 65 -16.62 -23.44 5.32
CA ARG B 65 -15.62 -22.74 6.14
C ARG B 65 -14.21 -23.09 5.67
N LEU B 66 -13.98 -24.37 5.41
CA LEU B 66 -12.69 -24.85 4.97
C LEU B 66 -12.77 -26.29 4.48
N ASP B 67 -12.22 -26.56 3.31
CA ASP B 67 -12.19 -27.92 2.80
C ASP B 67 -10.78 -28.42 3.14
N LEU B 68 -10.65 -29.19 4.21
CA LEU B 68 -9.37 -29.70 4.65
C LEU B 68 -8.56 -30.27 3.49
N GLY B 69 -9.22 -31.03 2.62
CA GLY B 69 -8.55 -31.61 1.48
C GLY B 69 -7.95 -30.54 0.57
N LEU B 70 -8.72 -29.49 0.30
CA LEU B 70 -8.24 -28.41 -0.57
C LEU B 70 -7.11 -27.63 0.11
N TRP B 71 -7.26 -27.36 1.41
CA TRP B 71 -6.22 -26.65 2.15
C TRP B 71 -4.86 -27.38 2.07
N ASP B 72 -4.86 -28.68 2.37
CA ASP B 72 -3.63 -29.49 2.33
C ASP B 72 -2.94 -29.39 0.96
N LYS B 73 -3.71 -29.53 -0.12
CA LYS B 73 -3.12 -29.43 -1.46
C LYS B 73 -2.67 -28.00 -1.75
N PHE B 74 -3.48 -27.03 -1.36
CA PHE B 74 -3.14 -25.63 -1.58
C PHE B 74 -1.90 -25.20 -0.78
N SER B 75 -1.87 -25.56 0.51
CA SER B 75 -0.75 -25.21 1.37
C SER B 75 0.56 -25.82 0.88
N GLU B 76 0.46 -26.99 0.26
CA GLU B 76 1.65 -27.66 -0.28
C GLU B 76 2.17 -26.93 -1.51
N LEU B 77 1.26 -26.51 -2.38
CA LEU B 77 1.63 -25.78 -3.58
C LEU B 77 2.23 -24.44 -3.16
N ALA B 78 1.71 -23.86 -2.10
CA ALA B 78 2.18 -22.57 -1.61
C ALA B 78 3.59 -22.70 -1.04
N THR B 79 3.84 -23.80 -0.32
CA THR B 79 5.15 -24.05 0.23
C THR B 79 6.14 -24.05 -0.94
N LYS B 80 5.79 -24.79 -1.98
CA LYS B 80 6.64 -24.89 -3.16
C LYS B 80 6.85 -23.54 -3.83
N CYS B 81 5.80 -22.75 -3.92
CA CYS B 81 5.92 -21.46 -4.56
C CYS B 81 6.82 -20.52 -3.75
N ILE B 82 6.70 -20.57 -2.44
CA ILE B 82 7.55 -19.74 -1.59
C ILE B 82 9.00 -20.12 -1.88
N ILE B 83 9.24 -21.40 -2.04
CA ILE B 83 10.59 -21.86 -2.31
C ILE B 83 11.11 -21.19 -3.57
N LYS B 84 10.26 -21.10 -4.60
CA LYS B 84 10.64 -20.46 -5.86
C LYS B 84 10.90 -18.96 -5.67
N ILE B 85 10.12 -18.33 -4.80
CA ILE B 85 10.29 -16.91 -4.52
C ILE B 85 11.64 -16.67 -3.86
N VAL B 86 11.99 -17.50 -2.88
CA VAL B 86 13.29 -17.36 -2.23
C VAL B 86 14.35 -17.52 -3.32
N GLU B 87 14.14 -18.46 -4.23
CA GLU B 87 15.09 -18.66 -5.31
C GLU B 87 15.06 -17.47 -6.29
N PHE B 88 13.89 -16.88 -6.49
CA PHE B 88 13.79 -15.73 -7.37
C PHE B 88 14.58 -14.58 -6.73
N ALA B 89 14.39 -14.40 -5.43
CA ALA B 89 15.07 -13.35 -4.68
C ALA B 89 16.59 -13.44 -4.79
N LYS B 90 17.12 -14.65 -4.68
CA LYS B 90 18.55 -14.85 -4.75
C LYS B 90 19.11 -14.51 -6.13
N ARG B 91 18.25 -14.47 -7.14
CA ARG B 91 18.71 -14.12 -8.48
C ARG B 91 18.66 -12.62 -8.72
N LEU B 92 18.04 -11.88 -7.80
CA LEU B 92 17.93 -10.43 -7.97
C LEU B 92 19.23 -9.75 -7.62
N PRO B 93 19.79 -8.99 -8.58
CA PRO B 93 21.05 -8.27 -8.36
C PRO B 93 21.13 -7.53 -7.03
N GLY B 94 22.10 -7.92 -6.20
CA GLY B 94 22.30 -7.27 -4.91
C GLY B 94 21.58 -7.86 -3.70
N PHE B 95 20.54 -8.66 -3.91
CA PHE B 95 19.79 -9.22 -2.78
C PHE B 95 20.69 -9.96 -1.79
N THR B 96 21.58 -10.82 -2.30
CA THR B 96 22.45 -11.57 -1.41
C THR B 96 23.66 -10.74 -0.99
N GLY B 97 23.53 -9.43 -1.14
CA GLY B 97 24.58 -8.50 -0.73
C GLY B 97 24.10 -7.83 0.55
N LEU B 98 22.80 -7.97 0.81
CA LEU B 98 22.20 -7.39 2.02
C LEU B 98 22.52 -8.30 3.21
N THR B 99 22.17 -7.88 4.41
CA THR B 99 22.48 -8.74 5.56
C THR B 99 21.55 -9.92 5.52
N ILE B 100 21.96 -11.01 6.17
CA ILE B 100 21.14 -12.20 6.22
C ILE B 100 19.78 -11.84 6.81
N ALA B 101 19.82 -11.11 7.92
CA ALA B 101 18.60 -10.70 8.62
C ALA B 101 17.69 -9.83 7.76
N ASP B 102 18.28 -8.94 6.95
CA ASP B 102 17.47 -8.09 6.08
C ASP B 102 16.86 -8.95 4.96
N GLN B 103 17.59 -9.94 4.49
CA GLN B 103 17.11 -10.84 3.44
C GLN B 103 15.86 -11.56 3.94
N ILE B 104 15.93 -11.99 5.19
CA ILE B 104 14.84 -12.69 5.83
C ILE B 104 13.65 -11.77 6.11
N THR B 105 13.95 -10.60 6.65
CA THR B 105 12.92 -9.62 6.97
C THR B 105 12.18 -9.21 5.70
N LEU B 106 12.92 -8.97 4.63
CA LEU B 106 12.35 -8.57 3.34
C LEU B 106 11.50 -9.68 2.73
N LEU B 107 12.01 -10.91 2.76
CA LEU B 107 11.26 -12.05 2.21
C LEU B 107 9.96 -12.25 2.98
N LYS B 108 10.04 -12.18 4.30
CA LYS B 108 8.85 -12.37 5.12
C LYS B 108 7.81 -11.30 4.84
N ALA B 109 8.26 -10.04 4.74
CA ALA B 109 7.32 -8.94 4.50
C ALA B 109 6.69 -8.91 3.12
N ALA B 110 7.41 -9.43 2.12
CA ALA B 110 6.93 -9.42 0.75
C ALA B 110 6.32 -10.75 0.31
N CYS B 111 6.41 -11.77 1.15
CA CYS B 111 5.90 -13.09 0.80
C CYS B 111 4.49 -13.13 0.22
N LEU B 112 3.50 -12.62 0.95
CA LEU B 112 2.12 -12.61 0.46
C LEU B 112 1.92 -11.69 -0.75
N ASP B 113 2.57 -10.51 -0.75
CA ASP B 113 2.48 -9.58 -1.86
C ASP B 113 2.78 -10.34 -3.14
N ILE B 114 3.87 -11.09 -3.15
CA ILE B 114 4.30 -11.81 -4.33
C ILE B 114 3.46 -13.06 -4.66
N LEU B 115 2.99 -13.78 -3.64
CA LEU B 115 2.16 -14.96 -3.88
C LEU B 115 0.84 -14.51 -4.49
N ILE B 116 0.33 -13.38 -4.01
CA ILE B 116 -0.92 -12.81 -4.49
C ILE B 116 -0.75 -12.34 -5.93
N LEU B 117 0.34 -11.63 -6.20
CA LEU B 117 0.59 -11.16 -7.55
C LEU B 117 0.72 -12.34 -8.50
N ARG B 118 1.44 -13.36 -8.06
CA ARG B 118 1.67 -14.56 -8.86
C ARG B 118 0.39 -15.32 -9.23
N ILE B 119 -0.44 -15.62 -8.25
CA ILE B 119 -1.66 -16.35 -8.52
C ILE B 119 -2.62 -15.53 -9.39
N CYS B 120 -2.63 -14.21 -9.21
CA CYS B 120 -3.53 -13.35 -9.98
C CYS B 120 -3.15 -13.30 -11.47
N THR B 121 -1.87 -13.47 -11.79
CA THR B 121 -1.45 -13.47 -13.18
C THR B 121 -1.74 -14.84 -13.82
N ARG B 122 -2.39 -15.72 -13.05
CA ARG B 122 -2.76 -17.06 -13.49
C ARG B 122 -4.28 -17.14 -13.53
N TYR B 123 -4.91 -15.99 -13.70
CA TYR B 123 -6.37 -15.89 -13.73
C TYR B 123 -6.97 -16.00 -15.15
N THR B 124 -7.93 -16.92 -15.29
CA THR B 124 -8.64 -17.14 -16.55
C THR B 124 -10.04 -16.55 -16.40
N PRO B 125 -10.24 -15.30 -16.86
CA PRO B 125 -11.55 -14.64 -16.75
C PRO B 125 -12.74 -15.38 -17.33
N GLU B 126 -12.56 -16.04 -18.48
CA GLU B 126 -13.65 -16.78 -19.10
C GLU B 126 -14.28 -17.75 -18.09
N GLN B 127 -13.46 -18.63 -17.52
CA GLN B 127 -13.92 -19.62 -16.55
C GLN B 127 -13.91 -19.15 -15.10
N ASP B 128 -13.39 -17.94 -14.86
CA ASP B 128 -13.29 -17.38 -13.51
C ASP B 128 -12.57 -18.35 -12.58
N THR B 129 -11.36 -18.73 -12.96
CA THR B 129 -10.54 -19.64 -12.17
C THR B 129 -9.09 -19.16 -12.09
N MET B 130 -8.32 -19.78 -11.20
CA MET B 130 -6.90 -19.46 -11.05
C MET B 130 -6.12 -20.75 -11.08
N THR B 131 -5.02 -20.75 -11.83
CA THR B 131 -4.20 -21.94 -11.98
C THR B 131 -2.89 -21.91 -11.21
N PHE B 132 -2.61 -22.99 -10.48
CA PHE B 132 -1.39 -23.11 -9.71
C PHE B 132 -0.27 -23.70 -10.56
N SER B 133 0.95 -23.66 -10.03
CA SER B 133 2.09 -24.14 -10.78
C SER B 133 2.14 -25.60 -11.21
N ASP B 134 1.37 -26.47 -10.56
CA ASP B 134 1.37 -27.89 -10.95
C ASP B 134 0.21 -28.15 -11.91
N GLY B 135 -0.45 -27.08 -12.35
CA GLY B 135 -1.56 -27.21 -13.27
C GLY B 135 -2.94 -27.16 -12.64
N LEU B 136 -3.02 -27.45 -11.34
CA LEU B 136 -4.30 -27.45 -10.63
C LEU B 136 -5.05 -26.15 -10.84
N THR B 137 -6.30 -26.27 -11.30
CA THR B 137 -7.15 -25.13 -11.57
C THR B 137 -8.38 -25.17 -10.67
N LEU B 138 -8.60 -24.11 -9.90
CA LEU B 138 -9.71 -24.04 -8.98
C LEU B 138 -10.63 -22.88 -9.32
N ASN B 139 -11.92 -23.00 -8.97
CA ASN B 139 -12.85 -21.92 -9.25
C ASN B 139 -12.97 -21.05 -8.01
N ARG B 140 -13.70 -19.94 -8.15
CA ARG B 140 -13.86 -18.98 -7.05
C ARG B 140 -14.26 -19.64 -5.74
N THR B 141 -15.22 -20.55 -5.82
CA THR B 141 -15.72 -21.25 -4.65
C THR B 141 -14.65 -22.15 -4.03
N GLN B 142 -13.85 -22.80 -4.87
CA GLN B 142 -12.79 -23.67 -4.39
C GLN B 142 -11.64 -22.84 -3.79
N MET B 143 -11.32 -21.71 -4.40
CA MET B 143 -10.27 -20.84 -3.89
C MET B 143 -10.69 -20.44 -2.48
N HIS B 144 -11.95 -20.08 -2.35
CA HIS B 144 -12.51 -19.70 -1.06
C HIS B 144 -12.36 -20.80 -0.02
N ASN B 145 -12.74 -22.02 -0.41
CA ASN B 145 -12.67 -23.18 0.49
C ASN B 145 -11.28 -23.71 0.77
N ALA B 146 -10.32 -23.38 -0.11
CA ALA B 146 -8.94 -23.81 0.08
C ALA B 146 -8.34 -23.05 1.27
N GLY B 147 -8.95 -21.93 1.61
CA GLY B 147 -8.44 -21.14 2.73
C GLY B 147 -8.58 -19.64 2.56
N PHE B 148 -8.70 -19.14 1.33
CA PHE B 148 -8.83 -17.70 1.13
C PHE B 148 -10.00 -17.09 1.90
N GLY B 149 -11.09 -17.84 2.00
CA GLY B 149 -12.26 -17.36 2.72
C GLY B 149 -12.67 -15.93 2.36
N PRO B 150 -12.68 -15.01 3.34
CA PRO B 150 -13.05 -13.60 3.17
C PRO B 150 -12.21 -12.81 2.17
N LEU B 151 -11.01 -13.27 1.87
CA LEU B 151 -10.12 -12.59 0.91
C LEU B 151 -10.42 -12.95 -0.52
N THR B 152 -11.23 -13.98 -0.72
CA THR B 152 -11.51 -14.46 -2.06
C THR B 152 -11.90 -13.41 -3.08
N ASP B 153 -12.94 -12.63 -2.80
CA ASP B 153 -13.40 -11.63 -3.75
C ASP B 153 -12.40 -10.52 -4.00
N LEU B 154 -11.61 -10.18 -2.99
CA LEU B 154 -10.59 -9.15 -3.12
C LEU B 154 -9.52 -9.58 -4.11
N VAL B 155 -9.16 -10.85 -4.04
CA VAL B 155 -8.15 -11.40 -4.93
C VAL B 155 -8.65 -11.45 -6.37
N PHE B 156 -9.87 -11.93 -6.57
CA PHE B 156 -10.42 -11.99 -7.93
C PHE B 156 -10.59 -10.61 -8.53
N THR B 157 -10.99 -9.67 -7.70
CA THR B 157 -11.17 -8.29 -8.14
C THR B 157 -9.83 -7.73 -8.62
N PHE B 158 -8.79 -7.94 -7.81
CA PHE B 158 -7.45 -7.47 -8.14
C PHE B 158 -7.00 -8.11 -9.45
N ALA B 159 -7.25 -9.42 -9.59
CA ALA B 159 -6.90 -10.17 -10.78
C ALA B 159 -7.54 -9.56 -12.04
N ASN B 160 -8.77 -9.07 -11.91
CA ASN B 160 -9.45 -8.45 -13.04
C ASN B 160 -8.85 -7.10 -13.38
N GLN B 161 -8.45 -6.35 -12.34
CA GLN B 161 -7.86 -5.03 -12.51
C GLN B 161 -6.49 -5.12 -13.18
N LEU B 162 -5.90 -6.32 -13.18
CA LEU B 162 -4.59 -6.55 -13.79
C LEU B 162 -4.73 -6.82 -15.29
N LEU B 163 -5.84 -7.44 -15.68
CA LEU B 163 -6.09 -7.77 -17.09
C LEU B 163 -5.77 -6.66 -18.09
N PRO B 164 -6.39 -5.48 -17.94
CA PRO B 164 -6.16 -4.35 -18.86
C PRO B 164 -4.71 -3.92 -19.02
N LEU B 165 -3.87 -4.22 -18.02
CA LEU B 165 -2.46 -3.86 -18.07
C LEU B 165 -1.62 -4.77 -18.97
N GLU B 166 -2.16 -5.94 -19.31
CA GLU B 166 -1.46 -6.89 -20.16
C GLU B 166 -0.04 -7.13 -19.66
N MET B 167 0.09 -7.57 -18.41
CA MET B 167 1.42 -7.79 -17.86
C MET B 167 2.11 -9.07 -18.28
N ASP B 168 3.38 -8.92 -18.64
CA ASP B 168 4.21 -10.04 -19.07
C ASP B 168 5.21 -10.42 -17.97
N ASP B 169 6.11 -11.34 -18.30
CA ASP B 169 7.09 -11.79 -17.33
C ASP B 169 7.99 -10.69 -16.79
N THR B 170 8.47 -9.82 -17.66
CA THR B 170 9.34 -8.74 -17.27
C THR B 170 8.68 -7.80 -16.27
N GLU B 171 7.46 -7.39 -16.56
CA GLU B 171 6.74 -6.49 -15.67
C GLU B 171 6.40 -7.14 -14.33
N THR B 172 5.87 -8.35 -14.38
CA THR B 172 5.50 -9.07 -13.17
C THR B 172 6.75 -9.32 -12.31
N GLY B 173 7.87 -9.66 -12.95
CA GLY B 173 9.10 -9.92 -12.22
C GLY B 173 9.65 -8.64 -11.61
N LEU B 174 9.55 -7.55 -12.36
CA LEU B 174 10.01 -6.24 -11.88
C LEU B 174 9.17 -5.78 -10.70
N LEU B 175 7.85 -5.96 -10.79
CA LEU B 175 6.96 -5.58 -9.70
C LEU B 175 7.25 -6.43 -8.46
N SER B 176 7.50 -7.71 -8.67
CA SER B 176 7.80 -8.62 -7.57
C SER B 176 9.09 -8.16 -6.90
N ALA B 177 10.08 -7.82 -7.72
CA ALA B 177 11.36 -7.37 -7.21
C ALA B 177 11.18 -6.08 -6.43
N ILE B 178 10.40 -5.16 -6.99
CA ILE B 178 10.13 -3.86 -6.38
C ILE B 178 9.44 -4.01 -5.01
N CYS B 179 8.56 -4.99 -4.91
CA CYS B 179 7.85 -5.30 -3.66
C CYS B 179 8.78 -5.88 -2.61
N LEU B 180 9.66 -6.78 -3.05
CA LEU B 180 10.60 -7.42 -2.15
C LEU B 180 11.64 -6.43 -1.62
N ILE B 181 12.41 -5.83 -2.52
CA ILE B 181 13.44 -4.89 -2.13
C ILE B 181 12.81 -3.53 -1.87
N CYS B 182 12.25 -3.42 -0.68
CA CYS B 182 11.54 -2.24 -0.24
C CYS B 182 12.20 -1.72 1.03
N GLY B 183 12.81 -0.53 0.93
CA GLY B 183 13.49 0.05 2.07
C GLY B 183 12.64 0.50 3.24
N ASP B 184 11.32 0.45 3.11
CA ASP B 184 10.47 0.92 4.20
C ASP B 184 9.98 -0.19 5.14
N ARG B 185 10.41 -1.42 4.92
CA ARG B 185 9.97 -2.50 5.79
C ARG B 185 10.50 -2.23 7.19
N GLN B 186 9.72 -2.60 8.18
CA GLN B 186 10.09 -2.40 9.56
C GLN B 186 11.20 -3.38 9.93
N ASP B 187 12.10 -2.94 10.81
CA ASP B 187 13.22 -3.73 11.32
C ASP B 187 14.40 -4.01 10.38
N LEU B 188 14.57 -3.20 9.34
CA LEU B 188 15.70 -3.39 8.45
C LEU B 188 16.98 -2.87 9.13
N GLU B 189 18.10 -3.57 8.90
CA GLU B 189 19.38 -3.17 9.48
C GLU B 189 20.00 -2.09 8.60
N GLU B 190 19.88 -2.28 7.29
CA GLU B 190 20.43 -1.31 6.35
C GLU B 190 19.32 -0.78 5.44
N PRO B 191 18.33 -0.10 6.02
CA PRO B 191 17.24 0.44 5.21
C PRO B 191 17.70 1.30 4.02
N THR B 192 18.73 2.12 4.24
CA THR B 192 19.23 2.94 3.16
C THR B 192 19.81 2.14 2.00
N LYS B 193 20.54 1.07 2.30
CA LYS B 193 21.12 0.25 1.24
C LYS B 193 20.00 -0.44 0.43
N VAL B 194 18.96 -0.90 1.13
CA VAL B 194 17.84 -1.55 0.46
C VAL B 194 17.15 -0.55 -0.45
N ASP B 195 16.89 0.63 0.10
CA ASP B 195 16.24 1.71 -0.63
C ASP B 195 16.96 2.02 -1.94
N LYS B 196 18.29 2.13 -1.89
CA LYS B 196 19.06 2.43 -3.09
C LYS B 196 19.09 1.26 -4.06
N LEU B 197 18.92 0.05 -3.54
CA LEU B 197 18.93 -1.13 -4.38
C LEU B 197 17.66 -1.17 -5.23
N GLN B 198 16.60 -0.58 -4.69
CA GLN B 198 15.31 -0.54 -5.36
C GLN B 198 15.21 0.49 -6.51
N GLU B 199 16.00 1.55 -6.45
CA GLU B 199 15.92 2.59 -7.47
C GLU B 199 16.13 2.10 -8.91
N PRO B 200 17.17 1.31 -9.15
CA PRO B 200 17.41 0.80 -10.52
C PRO B 200 16.21 -0.03 -10.99
N LEU B 201 15.54 -0.70 -10.05
CA LEU B 201 14.39 -1.53 -10.39
C LEU B 201 13.22 -0.68 -10.88
N LEU B 202 13.03 0.49 -10.26
CA LEU B 202 11.96 1.39 -10.64
C LEU B 202 12.23 1.98 -12.01
N GLU B 203 13.48 2.40 -12.24
CA GLU B 203 13.86 2.98 -13.52
C GLU B 203 13.75 1.93 -14.61
N ALA B 204 14.03 0.68 -14.24
CA ALA B 204 13.95 -0.43 -15.20
C ALA B 204 12.51 -0.63 -15.63
N LEU B 205 11.58 -0.58 -14.68
CA LEU B 205 10.18 -0.76 -15.01
C LEU B 205 9.69 0.38 -15.91
N LYS B 206 10.07 1.61 -15.57
CA LYS B 206 9.66 2.78 -16.33
C LYS B 206 10.11 2.70 -17.78
N ILE B 207 11.40 2.44 -17.98
CA ILE B 207 11.95 2.35 -19.32
C ILE B 207 11.28 1.24 -20.13
N TYR B 208 11.15 0.06 -19.53
CA TYR B 208 10.54 -1.06 -20.22
C TYR B 208 9.10 -0.77 -20.59
N ILE B 209 8.37 -0.17 -19.66
CA ILE B 209 6.98 0.15 -19.92
C ILE B 209 6.89 1.11 -21.09
N ARG B 210 7.73 2.14 -21.06
CA ARG B 210 7.76 3.16 -22.10
C ARG B 210 8.10 2.58 -23.47
N LYS B 211 9.17 1.79 -23.54
CA LYS B 211 9.57 1.18 -24.81
C LYS B 211 8.65 0.04 -25.22
N ARG B 212 7.50 -0.10 -24.55
CA ARG B 212 6.56 -1.16 -24.88
C ARG B 212 5.18 -0.61 -25.22
N ARG B 213 4.71 0.33 -24.41
CA ARG B 213 3.40 0.94 -24.61
C ARG B 213 3.52 2.43 -24.91
N PRO B 214 4.07 2.80 -26.08
CA PRO B 214 4.21 4.22 -26.42
C PRO B 214 2.84 4.91 -26.54
N SER B 215 1.78 4.12 -26.58
CA SER B 215 0.42 4.62 -26.69
C SER B 215 -0.25 4.68 -25.32
N LYS B 216 0.54 4.42 -24.28
CA LYS B 216 0.06 4.43 -22.90
C LYS B 216 1.05 5.27 -22.09
N PRO B 217 1.11 6.58 -22.36
CA PRO B 217 2.01 7.53 -21.69
C PRO B 217 1.96 7.57 -20.16
N HIS B 218 0.91 7.04 -19.56
CA HIS B 218 0.80 7.08 -18.11
C HIS B 218 0.68 5.72 -17.43
N MET B 219 1.23 4.69 -18.04
CA MET B 219 1.17 3.35 -17.46
C MET B 219 2.14 3.13 -16.32
N PHE B 220 3.23 3.89 -16.27
CA PHE B 220 4.20 3.69 -15.20
C PHE B 220 3.58 3.93 -13.82
N PRO B 221 2.99 5.11 -13.59
CA PRO B 221 2.38 5.38 -12.28
C PRO B 221 1.21 4.44 -11.98
N LYS B 222 0.44 4.12 -13.01
CA LYS B 222 -0.72 3.25 -12.85
C LYS B 222 -0.34 1.84 -12.41
N ILE B 223 0.64 1.25 -13.07
CA ILE B 223 1.08 -0.09 -12.71
C ILE B 223 1.72 -0.07 -11.31
N LEU B 224 2.47 0.99 -11.04
CA LEU B 224 3.12 1.15 -9.75
C LEU B 224 2.08 1.25 -8.64
N MET B 225 1.00 1.98 -8.91
CA MET B 225 -0.09 2.17 -7.96
C MET B 225 -0.76 0.83 -7.63
N LYS B 226 -0.51 -0.19 -8.44
CA LYS B 226 -1.09 -1.49 -8.19
C LYS B 226 -0.42 -2.14 -6.98
N ILE B 227 0.81 -1.75 -6.72
CA ILE B 227 1.56 -2.26 -5.58
C ILE B 227 0.78 -1.85 -4.34
N THR B 228 0.09 -0.72 -4.46
CA THR B 228 -0.73 -0.17 -3.39
C THR B 228 -1.89 -1.10 -3.01
N ASP B 229 -2.62 -1.58 -4.01
CA ASP B 229 -3.75 -2.47 -3.76
C ASP B 229 -3.21 -3.80 -3.26
N LEU B 230 -2.03 -4.16 -3.73
CA LEU B 230 -1.39 -5.40 -3.34
C LEU B 230 -1.09 -5.38 -1.85
N ARG B 231 -0.51 -4.28 -1.37
CA ARG B 231 -0.18 -4.09 0.04
C ARG B 231 -1.44 -4.17 0.90
N SER B 232 -2.54 -3.68 0.34
CA SER B 232 -3.81 -3.67 1.05
C SER B 232 -4.35 -5.08 1.24
N ILE B 233 -4.25 -5.89 0.20
CA ILE B 233 -4.72 -7.27 0.24
C ILE B 233 -3.84 -8.14 1.14
N SER B 234 -2.54 -7.84 1.13
CA SER B 234 -1.56 -8.57 1.95
C SER B 234 -1.87 -8.37 3.42
N ALA B 235 -2.17 -7.14 3.79
CA ALA B 235 -2.50 -6.80 5.17
C ALA B 235 -3.66 -7.69 5.59
N LYS B 236 -4.63 -7.85 4.71
CA LYS B 236 -5.80 -8.68 5.02
C LYS B 236 -5.43 -10.17 5.01
N GLY B 237 -4.49 -10.55 4.16
CA GLY B 237 -4.06 -11.93 4.12
C GLY B 237 -3.44 -12.28 5.46
N ALA B 238 -2.68 -11.32 6.01
CA ALA B 238 -2.04 -11.50 7.31
C ALA B 238 -3.11 -11.75 8.39
N GLU B 239 -4.23 -11.04 8.28
CA GLU B 239 -5.33 -11.20 9.22
C GLU B 239 -5.92 -12.59 9.01
N ARG B 240 -6.14 -12.94 7.75
CA ARG B 240 -6.70 -14.23 7.39
C ARG B 240 -5.87 -15.38 7.96
N VAL B 241 -4.55 -15.23 7.96
CA VAL B 241 -3.67 -16.25 8.52
C VAL B 241 -4.06 -16.52 9.97
N ILE B 242 -4.37 -15.46 10.71
CA ILE B 242 -4.74 -15.60 12.11
C ILE B 242 -6.03 -16.38 12.29
N THR B 243 -7.10 -15.95 11.62
CA THR B 243 -8.37 -16.64 11.76
C THR B 243 -8.31 -18.05 11.18
N LEU B 244 -7.63 -18.20 10.05
CA LEU B 244 -7.50 -19.49 9.41
C LEU B 244 -6.82 -20.49 10.33
N LYS B 245 -5.79 -20.02 11.05
CA LYS B 245 -5.08 -20.90 11.97
C LYS B 245 -6.03 -21.56 12.95
N MET B 246 -7.14 -20.90 13.25
CA MET B 246 -8.13 -21.45 14.17
C MET B 246 -9.13 -22.40 13.52
N GLU B 247 -9.11 -22.50 12.18
CA GLU B 247 -10.03 -23.38 11.47
C GLU B 247 -9.40 -24.71 11.04
N ILE B 248 -8.07 -24.73 10.97
CA ILE B 248 -7.36 -25.94 10.56
C ILE B 248 -7.01 -26.80 11.77
N PRO B 249 -7.43 -28.07 11.76
CA PRO B 249 -7.15 -28.99 12.88
C PRO B 249 -5.74 -29.57 12.78
N GLY B 250 -4.76 -28.67 12.73
CA GLY B 250 -3.36 -29.04 12.62
C GLY B 250 -2.60 -27.77 12.28
N SER B 251 -1.27 -27.84 12.25
CA SER B 251 -0.47 -26.65 11.94
C SER B 251 -0.34 -26.44 10.43
N MET B 252 0.07 -25.23 10.06
CA MET B 252 0.27 -24.92 8.66
C MET B 252 1.68 -25.41 8.34
N PRO B 253 1.99 -25.65 7.07
CA PRO B 253 3.34 -26.10 6.76
C PRO B 253 4.37 -25.19 7.44
N PRO B 254 5.52 -25.75 7.85
CA PRO B 254 6.56 -24.95 8.53
C PRO B 254 7.09 -23.71 7.77
N LEU B 255 7.27 -23.80 6.46
CA LEU B 255 7.75 -22.65 5.70
C LEU B 255 6.72 -21.52 5.70
N ILE B 256 5.43 -21.87 5.75
CA ILE B 256 4.39 -20.84 5.78
C ILE B 256 4.32 -20.21 7.18
N GLN B 257 4.48 -21.06 8.20
CA GLN B 257 4.48 -20.57 9.58
C GLN B 257 5.59 -19.52 9.70
N GLU B 258 6.78 -19.90 9.24
CA GLU B 258 7.93 -19.02 9.31
C GLU B 258 7.75 -17.71 8.56
N MET B 259 7.31 -17.79 7.29
CA MET B 259 7.11 -16.62 6.46
C MET B 259 6.01 -15.69 6.98
N LEU B 260 4.92 -16.27 7.46
CA LEU B 260 3.81 -15.48 7.96
C LEU B 260 3.94 -15.19 9.45
N GLU B 261 5.14 -15.42 9.97
CA GLU B 261 5.44 -15.20 11.38
C GLU B 261 5.82 -13.73 11.57
N ASN B 262 5.20 -13.06 12.54
CA ASN B 262 5.50 -11.66 12.80
C ASN B 262 5.83 -11.43 14.27
N LYS C 13 -26.85 11.85 7.15
CA LYS C 13 -25.42 11.55 7.18
C LYS C 13 -24.64 12.85 7.28
N ILE C 14 -23.48 12.81 7.93
CA ILE C 14 -22.67 14.00 8.08
C ILE C 14 -21.94 14.32 6.79
N LEU C 15 -21.45 13.29 6.11
CA LEU C 15 -20.73 13.46 4.86
C LEU C 15 -21.58 14.12 3.78
N HIS C 16 -22.84 13.68 3.66
CA HIS C 16 -23.79 14.22 2.70
C HIS C 16 -23.96 15.72 2.89
N ARG C 17 -24.24 16.12 4.14
CA ARG C 17 -24.44 17.51 4.47
C ARG C 17 -23.20 18.32 4.14
N LEU C 18 -22.05 17.87 4.61
CA LEU C 18 -20.79 18.55 4.37
C LEU C 18 -20.43 18.63 2.88
N LEU C 19 -20.84 17.63 2.11
CA LEU C 19 -20.56 17.62 0.69
C LEU C 19 -21.59 18.38 -0.14
N GLN C 20 -22.83 18.37 0.32
CA GLN C 20 -23.92 19.06 -0.38
C GLN C 20 -23.62 20.56 -0.41
N LYS D 13 15.53 -24.35 11.19
CA LYS D 13 14.57 -23.50 10.49
C LYS D 13 14.82 -23.46 8.98
N ILE D 14 13.74 -23.66 8.23
CA ILE D 14 13.74 -23.74 6.77
C ILE D 14 14.24 -22.55 5.94
N LEU D 15 13.81 -21.34 6.27
CA LEU D 15 14.23 -20.19 5.48
C LEU D 15 15.75 -20.04 5.39
N HIS D 16 16.46 -20.17 6.52
CA HIS D 16 17.92 -20.04 6.47
C HIS D 16 18.52 -21.12 5.59
N ARG D 17 18.00 -22.34 5.72
CA ARG D 17 18.47 -23.48 4.92
C ARG D 17 18.30 -23.20 3.44
N LEU D 18 17.17 -22.61 3.06
CA LEU D 18 16.89 -22.28 1.67
C LEU D 18 17.87 -21.23 1.14
N LEU D 19 18.34 -20.33 2.01
CA LEU D 19 19.29 -19.31 1.58
C LEU D 19 20.67 -19.95 1.42
N GLN D 20 20.79 -21.18 1.91
CA GLN D 20 22.01 -21.99 1.87
C GLN D 20 23.02 -21.51 2.89
#